data_4OOC
#
_entry.id   4OOC
#
_cell.length_a   89.506
_cell.length_b   89.506
_cell.length_c   159.276
_cell.angle_alpha   90.00
_cell.angle_beta   90.00
_cell.angle_gamma   90.00
#
_symmetry.space_group_name_H-M   'P 43 21 2'
#
loop_
_entity.id
_entity.type
_entity.pdbx_description
1 polymer 'Phthiocerol synthesis polyketide synthase type I PpsC'
2 non-polymer 'PHOSPHATE ION'
3 water water
#
_entity_poly.entity_id   1
_entity_poly.type   'polypeptide(L)'
_entity_poly.pdbx_seq_one_letter_code
;MGSSHHHHHHSSGLVPRGSHMAYHRPDTHPLLGVGVTDPTNGTRVWESELDPDLLWLADHVIDDLVVLPGAAYAEIALAA
ATDTFAVEQDQPWMISELDLRQMLHVTPGTVLVTTLTGDEQRCQVEIRTRSGSSGWTTHATATVARAEPLAPLDHEGQRR
EVTTADLEDQLDPDDLYQRLRGAGQQHGPAFQGIVGLAVTQAGVARAQVRLPASARTGSREFMLHPVMMDIALQTLGATR
TATDLAGGQDARQGPSSNSALVVPVRFAGVHVYGDITRGVRAVGSLAAAGDRLVGEVVLTDANGQPLLVVDEVEMAVLGS
GSGGS
;
_entity_poly.pdbx_strand_id   A
#
loop_
_chem_comp.id
_chem_comp.type
_chem_comp.name
_chem_comp.formula
PO4 non-polymer 'PHOSPHATE ION' 'O4 P -3'
#
# COMPACT_ATOMS: atom_id res chain seq x y z
N ASP A 27 -17.03 15.74 0.92
CA ASP A 27 -15.93 15.59 -0.09
C ASP A 27 -14.54 15.59 0.56
N THR A 28 -14.50 15.26 1.84
CA THR A 28 -13.24 15.17 2.58
C THR A 28 -12.65 13.75 2.46
N HIS A 29 -11.31 13.65 2.55
CA HIS A 29 -10.60 12.39 2.34
C HIS A 29 -11.01 11.34 3.35
N PRO A 30 -11.56 10.22 2.86
CA PRO A 30 -12.12 9.15 3.72
C PRO A 30 -11.13 8.46 4.67
N LEU A 31 -9.84 8.51 4.37
CA LEU A 31 -8.82 7.95 5.24
C LEU A 31 -8.09 9.01 6.06
N LEU A 32 -7.86 10.16 5.46
CA LEU A 32 -7.09 11.22 6.07
C LEU A 32 -7.95 12.02 7.02
N GLY A 33 -9.19 12.31 6.62
CA GLY A 33 -10.08 13.17 7.41
C GLY A 33 -9.69 14.65 7.38
N VAL A 34 -10.07 15.40 8.41
CA VAL A 34 -9.94 16.85 8.39
C VAL A 34 -8.69 17.37 9.12
N GLY A 35 -8.02 18.33 8.51
CA GLY A 35 -6.76 18.81 9.03
C GLY A 35 -6.93 20.11 9.76
N VAL A 36 -5.97 20.38 10.62
CA VAL A 36 -5.83 21.64 11.32
C VAL A 36 -4.35 21.78 11.67
N THR A 37 -3.78 22.95 11.41
CA THR A 37 -2.37 23.18 11.75
C THR A 37 -2.18 23.77 13.15
N ASP A 38 -1.40 23.07 13.96
CA ASP A 38 -1.11 23.51 15.32
C ASP A 38 -0.19 24.74 15.28
N PRO A 39 -0.71 25.93 15.68
CA PRO A 39 0.10 27.17 15.60
C PRO A 39 1.30 27.14 16.53
N THR A 40 1.18 26.39 17.61
CA THR A 40 2.23 26.28 18.58
C THR A 40 3.53 25.83 17.89
N ASN A 41 3.46 24.91 16.91
CA ASN A 41 4.67 24.27 16.35
C ASN A 41 4.69 24.03 14.86
N GLY A 42 3.66 24.51 14.18
CA GLY A 42 3.55 24.36 12.73
C GLY A 42 3.25 22.96 12.25
N THR A 43 3.17 21.98 13.16
CA THR A 43 2.79 20.63 12.78
C THR A 43 1.32 20.56 12.38
N ARG A 44 1.02 19.84 11.31
CA ARG A 44 -0.36 19.68 10.88
C ARG A 44 -0.93 18.40 11.44
N VAL A 45 -2.24 18.37 11.70
CA VAL A 45 -2.87 17.23 12.37
C VAL A 45 -4.23 16.91 11.77
N TRP A 46 -4.43 15.67 11.34
CA TRP A 46 -5.76 15.26 10.90
C TRP A 46 -6.27 14.13 11.74
N GLU A 47 -7.57 14.18 12.06
CA GLU A 47 -8.24 13.03 12.65
C GLU A 47 -9.28 12.49 11.71
N SER A 48 -9.54 11.20 11.82
CA SER A 48 -10.42 10.51 10.89
C SER A 48 -11.04 9.27 11.55
N GLU A 49 -12.36 9.14 11.44
CA GLU A 49 -13.06 7.99 11.97
C GLU A 49 -12.98 6.81 11.01
N LEU A 50 -12.44 5.69 11.49
CA LEU A 50 -12.38 4.47 10.71
C LEU A 50 -13.30 3.43 11.30
N ASP A 51 -14.06 2.76 10.44
CA ASP A 51 -14.91 1.65 10.82
C ASP A 51 -14.78 0.51 9.82
N PRO A 52 -14.71 -0.75 10.29
CA PRO A 52 -14.60 -1.89 9.36
C PRO A 52 -15.58 -1.81 8.18
N ASP A 53 -16.79 -1.34 8.43
CA ASP A 53 -17.78 -1.26 7.36
C ASP A 53 -17.49 -0.10 6.40
N LEU A 54 -16.35 0.58 6.56
CA LEU A 54 -15.90 1.58 5.57
C LEU A 54 -15.52 0.94 4.25
N LEU A 55 -15.78 1.67 3.17
CA LEU A 55 -15.71 1.13 1.83
C LEU A 55 -14.53 0.19 1.64
N TRP A 56 -14.80 -1.08 1.38
CA TRP A 56 -13.77 -2.08 1.14
C TRP A 56 -12.58 -2.14 2.07
N LEU A 57 -12.79 -1.89 3.36
CA LEU A 57 -11.81 -2.12 4.42
C LEU A 57 -12.04 -3.58 4.81
N ALA A 58 -13.31 -3.94 4.84
CA ALA A 58 -13.77 -5.24 5.27
C ALA A 58 -13.11 -6.32 4.44
N ASP A 59 -12.81 -6.00 3.18
CA ASP A 59 -12.22 -6.97 2.25
C ASP A 59 -10.72 -7.25 2.40
N HIS A 60 -10.04 -6.63 3.36
CA HIS A 60 -8.67 -7.05 3.67
C HIS A 60 -8.61 -7.49 5.08
N VAL A 61 -8.62 -8.80 5.33
CA VAL A 61 -8.56 -9.29 6.71
C VAL A 61 -7.39 -10.23 6.95
N ILE A 62 -6.94 -10.25 8.21
CA ILE A 62 -5.91 -11.18 8.67
C ILE A 62 -6.29 -11.87 9.98
N ASP A 63 -6.25 -13.20 9.97
CA ASP A 63 -6.82 -14.06 11.01
C ASP A 63 -8.23 -13.67 11.45
N ASP A 64 -9.11 -13.42 10.49
CA ASP A 64 -10.52 -13.03 10.76
C ASP A 64 -10.65 -11.62 11.33
N LEU A 65 -9.56 -10.84 11.29
CA LEU A 65 -9.57 -9.47 11.79
C LEU A 65 -9.35 -8.49 10.66
N VAL A 66 -10.20 -7.46 10.57
CA VAL A 66 -9.97 -6.43 9.57
C VAL A 66 -8.71 -5.64 9.94
N VAL A 67 -7.68 -5.73 9.10
CA VAL A 67 -6.53 -4.87 9.26
C VAL A 67 -6.32 -3.99 8.04
N LEU A 68 -6.13 -2.71 8.30
CA LEU A 68 -5.94 -1.76 7.25
C LEU A 68 -4.65 -2.12 6.51
N PRO A 69 -4.72 -2.21 5.18
CA PRO A 69 -3.58 -2.61 4.36
C PRO A 69 -2.47 -1.57 4.37
N GLY A 70 -1.23 -2.03 4.29
CA GLY A 70 -0.06 -1.15 4.30
C GLY A 70 -0.18 -0.07 3.25
N ALA A 71 -0.70 -0.42 2.10
CA ALA A 71 -0.82 0.53 1.01
C ALA A 71 -1.58 1.77 1.46
N ALA A 72 -2.45 1.62 2.44
CA ALA A 72 -3.27 2.74 2.88
C ALA A 72 -2.42 3.88 3.44
N TYR A 73 -1.38 3.52 4.16
CA TYR A 73 -0.51 4.52 4.76
C TYR A 73 0.14 5.38 3.68
N ALA A 74 0.49 4.75 2.56
CA ALA A 74 1.08 5.49 1.44
C ALA A 74 0.11 6.52 0.93
N GLU A 75 -1.15 6.11 0.78
CA GLU A 75 -2.18 7.01 0.32
C GLU A 75 -2.33 8.16 1.29
N ILE A 76 -2.48 7.85 2.57
CA ILE A 76 -2.62 8.87 3.61
C ILE A 76 -1.46 9.86 3.57
N ALA A 77 -0.23 9.35 3.53
CA ALA A 77 0.95 10.22 3.51
C ALA A 77 0.89 11.19 2.31
N LEU A 78 0.56 10.68 1.13
CA LEU A 78 0.50 11.54 -0.05
C LEU A 78 -0.60 12.55 0.13
N ALA A 79 -1.76 12.06 0.55
CA ALA A 79 -2.92 12.91 0.75
C ALA A 79 -2.60 14.04 1.75
N ALA A 80 -1.80 13.70 2.76
CA ALA A 80 -1.45 14.63 3.82
C ALA A 80 -0.55 15.71 3.26
N ALA A 81 0.43 15.30 2.45
CA ALA A 81 1.33 16.27 1.83
C ALA A 81 0.56 17.21 0.90
N THR A 82 -0.28 16.63 0.04
CA THR A 82 -1.05 17.44 -0.86
C THR A 82 -1.92 18.46 -0.12
N ASP A 83 -2.59 18.01 0.93
CA ASP A 83 -3.47 18.91 1.67
C ASP A 83 -2.68 20.02 2.31
N THR A 84 -1.41 19.78 2.60
CA THR A 84 -0.60 20.77 3.31
C THR A 84 -0.04 21.82 2.37
N PHE A 85 0.59 21.38 1.29
CA PHE A 85 1.25 22.28 0.32
C PHE A 85 0.51 22.19 -1.00
N ALA A 86 0.05 23.32 -1.52
CA ALA A 86 -0.56 23.31 -2.85
C ALA A 86 0.55 23.19 -3.87
N VAL A 87 0.38 22.31 -4.85
CA VAL A 87 1.32 22.19 -5.97
C VAL A 87 0.54 21.97 -7.27
N GLU A 88 0.99 22.64 -8.34
CA GLU A 88 0.35 22.52 -9.66
C GLU A 88 0.56 21.14 -10.30
N GLN A 89 1.76 20.57 -10.13
CA GLN A 89 2.14 19.25 -10.64
C GLN A 89 1.03 18.21 -10.35
N ASP A 90 0.86 17.20 -11.21
CA ASP A 90 -0.24 16.25 -11.03
C ASP A 90 0.00 15.16 -9.96
N GLN A 91 1.14 14.47 -10.04
CA GLN A 91 1.58 13.54 -8.99
C GLN A 91 2.90 14.19 -8.58
N PRO A 92 2.86 14.97 -7.49
CA PRO A 92 3.94 15.89 -7.13
C PRO A 92 4.86 15.19 -6.16
N TRP A 93 4.42 14.08 -5.60
CA TRP A 93 5.14 13.50 -4.48
C TRP A 93 5.68 12.17 -4.82
N MET A 94 6.77 11.81 -4.16
CA MET A 94 7.19 10.43 -4.07
C MET A 94 7.39 10.11 -2.60
N ILE A 95 7.38 8.85 -2.23
CA ILE A 95 7.60 8.51 -0.84
C ILE A 95 9.01 7.95 -0.70
N SER A 96 9.90 8.77 -0.14
CA SER A 96 11.31 8.40 0.07
C SER A 96 11.31 7.10 0.78
N GLU A 97 10.62 7.06 1.91
CA GLU A 97 10.42 5.80 2.61
C GLU A 97 9.19 5.80 3.49
N LEU A 98 8.82 4.60 3.95
CA LEU A 98 7.64 4.40 4.76
C LEU A 98 7.85 3.14 5.60
N ASP A 99 7.78 3.30 6.92
CA ASP A 99 7.91 2.15 7.82
C ASP A 99 6.57 1.80 8.40
N LEU A 100 6.30 0.50 8.43
CA LEU A 100 5.00 0.01 8.82
C LEU A 100 5.32 -0.56 10.17
N ARG A 101 5.12 0.25 11.19
CA ARG A 101 5.66 -0.03 12.52
C ARG A 101 4.74 -1.00 13.26
N GLN A 102 3.47 -1.01 12.94
CA GLN A 102 2.55 -1.89 13.64
C GLN A 102 1.24 -1.94 12.88
N MET A 103 0.68 -3.14 12.72
CA MET A 103 -0.58 -3.29 12.02
C MET A 103 -1.70 -2.67 12.84
N LEU A 104 -2.71 -2.14 12.16
CA LEU A 104 -3.83 -1.51 12.82
C LEU A 104 -5.07 -2.35 12.60
N HIS A 105 -5.62 -2.88 13.68
CA HIS A 105 -6.83 -3.67 13.58
C HIS A 105 -7.98 -2.73 13.60
N VAL A 106 -8.72 -2.66 12.51
CA VAL A 106 -9.77 -1.67 12.41
C VAL A 106 -11.02 -2.11 13.14
N THR A 107 -11.20 -1.56 14.34
CA THR A 107 -12.37 -1.85 15.18
C THR A 107 -13.37 -0.68 15.13
N PRO A 108 -14.63 -0.90 15.56
CA PRO A 108 -15.55 0.24 15.45
C PRO A 108 -15.06 1.47 16.21
N GLY A 109 -15.40 2.65 15.66
CA GLY A 109 -14.96 3.95 16.21
C GLY A 109 -13.47 4.08 16.48
N THR A 110 -12.65 3.61 15.55
CA THR A 110 -11.21 3.81 15.56
C THR A 110 -11.00 5.23 15.08
N VAL A 111 -10.14 5.97 15.77
CA VAL A 111 -9.79 7.31 15.28
C VAL A 111 -8.36 7.27 14.80
N LEU A 112 -8.17 7.61 13.54
CA LEU A 112 -6.85 7.61 12.93
C LEU A 112 -6.27 9.03 12.93
N VAL A 113 -5.07 9.19 13.48
CA VAL A 113 -4.50 10.52 13.64
C VAL A 113 -3.19 10.71 12.89
N THR A 114 -3.22 11.63 11.94
CA THR A 114 -2.05 11.90 11.11
C THR A 114 -1.40 13.24 11.45
N THR A 115 -0.09 13.21 11.65
CA THR A 115 0.68 14.46 11.70
C THR A 115 1.55 14.60 10.45
N LEU A 116 1.87 15.84 10.12
CA LEU A 116 2.88 16.16 9.10
C LEU A 116 3.74 17.33 9.57
N THR A 117 5.06 17.17 9.47
CA THR A 117 6.02 18.24 9.75
C THR A 117 6.89 18.42 8.50
N GLY A 118 7.68 19.49 8.45
CA GLY A 118 8.62 19.74 7.34
C GLY A 118 8.13 20.70 6.26
N ASP A 119 8.91 20.87 5.21
CA ASP A 119 8.59 21.84 4.15
C ASP A 119 8.02 21.18 2.90
N GLU A 120 7.81 21.97 1.86
CA GLU A 120 7.20 21.45 0.65
C GLU A 120 8.18 20.65 -0.23
N GLN A 121 9.47 20.70 0.10
CA GLN A 121 10.49 19.89 -0.57
C GLN A 121 10.59 18.51 0.07
N ARG A 122 10.71 18.48 1.39
CA ARG A 122 10.70 17.23 2.16
C ARG A 122 9.81 17.37 3.40
N CYS A 123 9.09 16.31 3.76
CA CYS A 123 8.25 16.33 4.96
C CYS A 123 8.02 14.96 5.59
N GLN A 124 7.88 14.93 6.91
CA GLN A 124 7.61 13.68 7.61
C GLN A 124 6.16 13.54 7.97
N VAL A 125 5.60 12.39 7.66
CA VAL A 125 4.27 12.04 8.08
C VAL A 125 4.34 10.95 9.13
N GLU A 126 3.45 11.02 10.10
CA GLU A 126 3.33 9.95 11.07
C GLU A 126 1.85 9.59 11.24
N ILE A 127 1.56 8.29 11.21
CA ILE A 127 0.17 7.87 11.27
C ILE A 127 -0.13 7.02 12.50
N ARG A 128 -1.04 7.52 13.32
CA ARG A 128 -1.38 6.91 14.59
C ARG A 128 -2.84 6.56 14.65
N THR A 129 -3.21 5.78 15.68
CA THR A 129 -4.60 5.69 16.11
C THR A 129 -4.61 6.12 17.55
N ARG A 130 -5.72 6.68 17.96
CA ARG A 130 -5.80 7.23 19.28
C ARG A 130 -6.84 6.49 20.05
N SER A 131 -6.48 6.15 21.27
CA SER A 131 -7.38 5.50 22.18
C SER A 131 -7.80 6.64 23.04
N GLY A 132 -9.08 6.99 22.98
CA GLY A 132 -9.61 8.09 23.77
C GLY A 132 -8.82 9.37 23.59
N SER A 133 -8.28 9.88 24.70
CA SER A 133 -7.53 11.12 24.67
C SER A 133 -6.29 10.76 25.50
N SER A 134 -5.14 11.34 25.15
CA SER A 134 -3.91 11.11 25.88
C SER A 134 -3.14 9.80 25.60
N GLY A 135 -3.52 9.11 24.53
CA GLY A 135 -2.87 7.87 24.15
C GLY A 135 -2.90 7.72 22.65
N TRP A 136 -1.75 7.35 22.08
CA TRP A 136 -1.65 7.18 20.64
C TRP A 136 -0.78 6.02 20.41
N THR A 137 -1.08 5.27 19.36
CA THR A 137 -0.19 4.23 18.87
C THR A 137 0.19 4.59 17.45
N THR A 138 1.49 4.77 17.21
CA THR A 138 2.04 4.98 15.88
C THR A 138 1.94 3.70 15.04
N HIS A 139 1.34 3.79 13.86
CA HIS A 139 1.29 2.66 12.94
C HIS A 139 2.21 2.76 11.76
N ALA A 140 2.45 3.96 11.28
CA ALA A 140 3.35 4.12 10.16
C ALA A 140 4.03 5.47 10.22
N THR A 141 5.18 5.57 9.56
CA THR A 141 5.89 6.82 9.43
C THR A 141 6.32 6.88 7.98
N ALA A 142 6.21 8.05 7.39
CA ALA A 142 6.64 8.19 6.01
C ALA A 142 7.43 9.47 5.79
N THR A 143 8.31 9.42 4.81
CA THR A 143 9.05 10.58 4.41
C THR A 143 8.65 10.80 2.98
N VAL A 144 8.06 11.96 2.75
CA VAL A 144 7.53 12.30 1.45
C VAL A 144 8.41 13.41 0.90
N ALA A 145 8.66 13.37 -0.41
CA ALA A 145 9.48 14.36 -1.10
C ALA A 145 8.88 14.68 -2.47
N ARG A 146 9.45 15.66 -3.17
CA ARG A 146 8.99 15.98 -4.52
C ARG A 146 9.32 14.83 -5.47
N ALA A 147 8.42 14.59 -6.42
CA ALA A 147 8.62 13.54 -7.40
C ALA A 147 9.83 13.83 -8.28
N GLU A 148 10.67 12.80 -8.46
CA GLU A 148 11.66 12.75 -9.53
C GLU A 148 10.91 12.36 -10.79
N PRO A 149 11.13 13.10 -11.90
CA PRO A 149 10.43 12.77 -13.15
C PRO A 149 10.87 11.41 -13.70
N LEU A 150 10.30 10.99 -14.81
CA LEU A 150 10.62 9.70 -15.42
C LEU A 150 11.34 9.84 -16.77
N THR A 164 15.20 -14.05 -23.46
CA THR A 164 16.39 -14.58 -22.76
C THR A 164 16.21 -15.77 -21.77
N ALA A 165 15.45 -16.81 -22.16
CA ALA A 165 15.18 -18.04 -21.33
C ALA A 165 14.86 -17.68 -19.86
N ASP A 166 14.10 -16.59 -19.69
CA ASP A 166 13.36 -16.23 -18.47
C ASP A 166 11.91 -16.39 -19.03
N LEU A 167 11.34 -17.57 -18.84
CA LEU A 167 10.08 -17.88 -19.48
C LEU A 167 9.19 -18.45 -18.43
N GLU A 168 7.88 -18.38 -18.66
CA GLU A 168 6.90 -18.54 -17.60
C GLU A 168 6.43 -19.94 -17.30
N ASP A 169 6.10 -20.18 -16.02
CA ASP A 169 5.18 -21.23 -15.61
C ASP A 169 3.89 -20.49 -15.33
N GLN A 170 2.87 -20.78 -16.12
CA GLN A 170 1.55 -20.19 -15.94
C GLN A 170 0.98 -20.64 -14.62
N LEU A 171 0.31 -19.72 -13.93
CA LEU A 171 -0.24 -20.02 -12.61
C LEU A 171 -1.68 -19.60 -12.48
N ASP A 172 -2.40 -20.30 -11.59
CA ASP A 172 -3.80 -20.00 -11.35
C ASP A 172 -3.98 -19.00 -10.19
N PRO A 173 -4.45 -17.77 -10.48
CA PRO A 173 -4.69 -16.78 -9.44
C PRO A 173 -5.47 -17.34 -8.25
N ASP A 174 -6.51 -18.12 -8.55
CA ASP A 174 -7.34 -18.74 -7.53
C ASP A 174 -6.55 -19.60 -6.58
N ASP A 175 -5.45 -20.17 -7.07
CA ASP A 175 -4.56 -20.93 -6.20
C ASP A 175 -3.86 -20.02 -5.20
N LEU A 176 -3.23 -18.97 -5.72
CA LEU A 176 -2.55 -18.00 -4.89
C LEU A 176 -3.48 -17.48 -3.81
N TYR A 177 -4.70 -17.14 -4.18
CA TYR A 177 -5.63 -16.61 -3.19
C TYR A 177 -5.99 -17.63 -2.13
N GLN A 178 -6.22 -18.86 -2.56
CA GLN A 178 -6.60 -19.92 -1.64
C GLN A 178 -5.44 -20.21 -0.66
N ARG A 179 -4.23 -20.28 -1.18
CA ARG A 179 -3.01 -20.38 -0.37
C ARG A 179 -2.96 -19.29 0.71
N LEU A 180 -3.00 -18.03 0.28
CA LEU A 180 -3.00 -16.90 1.20
C LEU A 180 -4.15 -16.94 2.22
N ARG A 181 -5.35 -17.34 1.79
CA ARG A 181 -6.43 -17.61 2.74
C ARG A 181 -5.99 -18.66 3.76
N GLY A 182 -5.29 -19.68 3.31
CA GLY A 182 -4.82 -20.73 4.19
C GLY A 182 -3.82 -20.22 5.20
N ALA A 183 -2.98 -19.29 4.78
CA ALA A 183 -1.99 -18.72 5.68
C ALA A 183 -2.62 -17.59 6.49
N GLY A 184 -3.95 -17.49 6.42
CA GLY A 184 -4.71 -16.59 7.28
C GLY A 184 -5.02 -15.22 6.71
N GLN A 185 -4.47 -14.90 5.55
CA GLN A 185 -4.77 -13.64 4.87
C GLN A 185 -5.95 -13.78 3.93
N GLN A 186 -7.06 -13.15 4.28
CA GLN A 186 -8.29 -13.27 3.51
C GLN A 186 -8.64 -12.03 2.67
N HIS A 187 -8.15 -12.04 1.44
CA HIS A 187 -8.51 -11.02 0.46
C HIS A 187 -9.94 -11.19 -0.01
N GLY A 188 -10.81 -10.29 0.40
CA GLY A 188 -12.16 -10.24 -0.12
C GLY A 188 -12.18 -9.96 -1.60
N PRO A 189 -13.38 -9.94 -2.20
CA PRO A 189 -13.66 -9.50 -3.57
C PRO A 189 -13.01 -8.19 -4.06
N ALA A 190 -12.82 -7.22 -3.17
CA ALA A 190 -12.33 -5.91 -3.57
C ALA A 190 -10.83 -5.97 -3.85
N PHE A 191 -10.16 -6.93 -3.22
CA PHE A 191 -8.70 -7.00 -3.26
C PHE A 191 -8.19 -8.05 -4.22
N GLN A 192 -9.09 -8.82 -4.84
CA GLN A 192 -8.71 -9.85 -5.83
C GLN A 192 -8.49 -9.26 -7.22
N GLY A 193 -7.39 -8.56 -7.40
CA GLY A 193 -7.09 -7.84 -8.64
C GLY A 193 -6.23 -8.65 -9.57
N ILE A 194 -5.74 -9.78 -9.10
CA ILE A 194 -4.86 -10.59 -9.92
C ILE A 194 -5.76 -11.52 -10.70
N VAL A 195 -5.89 -11.23 -11.98
CA VAL A 195 -6.78 -11.98 -12.82
C VAL A 195 -6.00 -12.96 -13.67
N GLY A 196 -4.71 -12.66 -13.84
CA GLY A 196 -3.78 -13.57 -14.49
C GLY A 196 -2.41 -13.58 -13.80
N LEU A 197 -1.79 -14.75 -13.70
CA LEU A 197 -0.52 -14.86 -12.98
C LEU A 197 0.50 -15.86 -13.56
N ALA A 198 1.77 -15.46 -13.61
CA ALA A 198 2.85 -16.41 -13.91
C ALA A 198 4.21 -16.06 -13.27
N VAL A 199 5.05 -17.09 -13.10
CA VAL A 199 6.43 -16.96 -12.57
C VAL A 199 7.50 -17.32 -13.60
N THR A 200 8.41 -16.39 -13.86
CA THR A 200 9.68 -16.66 -14.54
C THR A 200 10.50 -17.80 -13.89
N GLN A 201 11.43 -18.36 -14.66
CA GLN A 201 12.44 -19.27 -14.11
C GLN A 201 13.33 -18.58 -13.07
N ALA A 202 13.62 -17.29 -13.33
CA ALA A 202 14.30 -16.41 -12.37
C ALA A 202 13.51 -16.15 -11.07
N GLY A 203 12.22 -16.53 -11.05
CA GLY A 203 11.38 -16.38 -9.85
C GLY A 203 10.64 -15.07 -9.75
N VAL A 204 10.57 -14.35 -10.87
CA VAL A 204 9.82 -13.10 -10.97
C VAL A 204 8.35 -13.40 -11.17
N ALA A 205 7.51 -12.76 -10.36
CA ALA A 205 6.07 -12.87 -10.53
C ALA A 205 5.60 -11.79 -11.48
N ARG A 206 4.95 -12.24 -12.56
CA ARG A 206 4.36 -11.33 -13.55
C ARG A 206 2.86 -11.54 -13.52
N ALA A 207 2.12 -10.44 -13.32
CA ALA A 207 0.66 -10.52 -13.14
C ALA A 207 -0.18 -9.59 -14.00
N GLN A 208 -1.37 -10.09 -14.38
CA GLN A 208 -2.43 -9.29 -15.01
C GLN A 208 -3.40 -8.85 -13.94
N VAL A 209 -3.56 -7.54 -13.82
CA VAL A 209 -4.36 -6.98 -12.75
C VAL A 209 -5.48 -6.11 -13.29
N ARG A 210 -6.59 -6.12 -12.58
CA ARG A 210 -7.74 -5.31 -12.90
C ARG A 210 -8.21 -4.89 -11.53
N LEU A 211 -8.43 -3.59 -11.32
CA LEU A 211 -9.00 -3.13 -10.06
C LEU A 211 -10.47 -3.55 -10.03
N PRO A 212 -10.87 -4.41 -9.07
CA PRO A 212 -12.23 -4.97 -9.02
C PRO A 212 -13.33 -3.92 -8.89
N ALA A 213 -14.55 -4.32 -9.21
CA ALA A 213 -15.72 -3.43 -9.16
C ALA A 213 -15.89 -2.81 -7.77
N SER A 214 -15.94 -3.66 -6.74
CA SER A 214 -16.21 -3.23 -5.36
C SER A 214 -15.24 -2.17 -4.87
N ALA A 215 -14.02 -2.23 -5.38
CA ALA A 215 -12.97 -1.30 -4.99
C ALA A 215 -13.12 0.04 -5.66
N ARG A 216 -13.88 0.07 -6.75
CA ARG A 216 -14.05 1.25 -7.59
C ARG A 216 -14.65 2.43 -6.83
N THR A 217 -15.78 2.17 -6.19
CA THR A 217 -16.60 3.21 -5.60
C THR A 217 -15.93 3.88 -4.40
N GLY A 218 -15.92 5.20 -4.38
CA GLY A 218 -15.23 5.98 -3.35
C GLY A 218 -13.87 6.42 -3.83
N SER A 219 -13.48 5.87 -4.99
CA SER A 219 -12.17 6.03 -5.61
C SER A 219 -11.65 7.47 -5.78
N ARG A 220 -12.54 8.37 -6.21
CA ARG A 220 -12.17 9.74 -6.64
C ARG A 220 -11.09 10.44 -5.80
N GLU A 221 -11.20 10.35 -4.48
CA GLU A 221 -10.38 11.19 -3.60
C GLU A 221 -8.92 10.77 -3.42
N PHE A 222 -8.52 9.65 -4.02
CA PHE A 222 -7.18 9.07 -3.76
C PHE A 222 -6.10 9.53 -4.72
N MET A 223 -5.00 10.02 -4.15
CA MET A 223 -3.79 10.29 -4.90
C MET A 223 -3.27 8.98 -5.49
N LEU A 224 -3.25 7.93 -4.68
CA LEU A 224 -3.02 6.57 -5.17
C LEU A 224 -3.91 5.54 -4.49
N HIS A 225 -4.55 4.71 -5.30
CA HIS A 225 -5.59 3.82 -4.79
C HIS A 225 -4.95 2.72 -3.96
N PRO A 226 -5.23 2.70 -2.65
CA PRO A 226 -4.62 1.68 -1.80
C PRO A 226 -4.93 0.26 -2.25
N VAL A 227 -6.17 -0.02 -2.67
CA VAL A 227 -6.48 -1.38 -3.10
C VAL A 227 -5.64 -1.74 -4.32
N MET A 228 -5.54 -0.80 -5.26
CA MET A 228 -4.77 -1.06 -6.46
C MET A 228 -3.30 -1.32 -6.11
N MET A 229 -2.69 -0.45 -5.31
CA MET A 229 -1.33 -0.71 -4.82
C MET A 229 -1.20 -2.05 -4.10
N ASP A 230 -2.10 -2.33 -3.17
CA ASP A 230 -2.06 -3.62 -2.53
C ASP A 230 -1.99 -4.73 -3.57
N ILE A 231 -2.81 -4.61 -4.62
CA ILE A 231 -2.87 -5.63 -5.67
C ILE A 231 -1.50 -5.82 -6.31
N ALA A 232 -0.96 -4.72 -6.84
CA ALA A 232 0.42 -4.67 -7.31
C ALA A 232 1.37 -5.41 -6.39
N LEU A 233 1.25 -5.14 -5.10
CA LEU A 233 2.10 -5.74 -4.09
C LEU A 233 1.83 -7.21 -3.87
N GLN A 234 0.62 -7.68 -4.15
CA GLN A 234 0.32 -9.07 -3.85
C GLN A 234 1.14 -9.99 -4.73
N THR A 235 1.66 -9.47 -5.83
CA THR A 235 2.45 -10.30 -6.73
C THR A 235 3.68 -10.87 -6.04
N LEU A 236 4.26 -10.11 -5.12
CA LEU A 236 5.43 -10.57 -4.37
C LEU A 236 5.18 -11.92 -3.70
N GLY A 237 3.91 -12.19 -3.40
CA GLY A 237 3.53 -13.44 -2.76
C GLY A 237 3.74 -14.63 -3.66
N ALA A 238 3.89 -14.37 -4.96
CA ALA A 238 3.96 -15.41 -6.00
C ALA A 238 5.39 -15.63 -6.50
N THR A 239 6.23 -14.64 -6.23
CA THR A 239 7.68 -14.74 -6.27
C THR A 239 8.24 -16.00 -5.65
N ARG A 240 9.19 -16.67 -6.33
CA ARG A 240 9.76 -17.91 -5.78
C ARG A 240 10.31 -17.86 -4.34
N THR A 241 11.09 -16.84 -4.00
CA THR A 241 11.56 -16.65 -2.62
C THR A 241 10.43 -16.76 -1.62
N ALA A 242 9.32 -16.08 -1.91
CA ALA A 242 8.12 -16.07 -1.09
C ALA A 242 7.43 -17.43 -1.02
N THR A 243 7.36 -18.14 -2.15
CA THR A 243 6.64 -19.41 -2.22
C THR A 243 7.45 -20.50 -1.55
N ASP A 244 8.77 -20.46 -1.76
CA ASP A 244 9.75 -21.38 -1.14
C ASP A 244 9.58 -21.42 0.37
N LEU A 245 9.18 -20.30 0.94
CA LEU A 245 8.75 -20.26 2.33
C LEU A 245 7.44 -21.05 2.58
N SER A 259 -0.02 -21.80 9.56
CA SER A 259 1.08 -21.51 8.65
C SER A 259 1.57 -20.08 8.88
N ALA A 260 2.36 -19.56 7.93
CA ALA A 260 2.84 -18.17 7.97
C ALA A 260 2.94 -17.56 6.56
N LEU A 261 2.73 -16.25 6.50
CA LEU A 261 2.70 -15.45 5.26
C LEU A 261 3.77 -14.36 5.28
N VAL A 262 4.21 -13.92 4.11
CA VAL A 262 5.16 -12.82 4.06
C VAL A 262 4.42 -11.53 3.73
N VAL A 263 4.76 -10.44 4.42
CA VAL A 263 4.07 -9.15 4.28
C VAL A 263 5.07 -8.01 4.22
N PRO A 264 4.73 -6.95 3.47
CA PRO A 264 5.58 -5.75 3.50
C PRO A 264 5.64 -5.13 4.88
N VAL A 265 6.82 -4.62 5.24
CA VAL A 265 7.02 -3.92 6.50
C VAL A 265 7.67 -2.58 6.20
N ARG A 266 8.21 -2.40 5.00
CA ARG A 266 8.85 -1.15 4.66
C ARG A 266 8.75 -0.87 3.17
N PHE A 267 8.56 0.39 2.82
CA PHE A 267 8.66 0.79 1.43
C PHE A 267 9.71 1.87 1.33
N ALA A 268 10.38 1.92 0.19
CA ALA A 268 11.32 2.97 -0.10
C ALA A 268 11.18 3.26 -1.58
N GLY A 269 11.11 4.54 -1.89
CA GLY A 269 11.08 4.98 -3.27
C GLY A 269 9.80 4.63 -3.98
N VAL A 270 8.65 4.93 -3.39
CA VAL A 270 7.43 4.68 -4.14
C VAL A 270 7.13 5.86 -5.08
N HIS A 271 7.09 5.56 -6.37
CA HIS A 271 6.91 6.57 -7.41
C HIS A 271 5.57 6.46 -8.06
N VAL A 272 4.92 7.59 -8.27
CA VAL A 272 3.62 7.56 -8.87
C VAL A 272 3.57 8.45 -10.08
N TYR A 273 3.04 7.92 -11.16
CA TYR A 273 3.09 8.63 -12.41
C TYR A 273 1.74 8.82 -13.03
N GLY A 274 0.70 8.27 -12.42
CA GLY A 274 -0.63 8.43 -12.96
C GLY A 274 -1.68 7.70 -12.17
N ASP A 275 -2.84 7.48 -12.77
CA ASP A 275 -3.90 6.82 -12.06
C ASP A 275 -3.68 5.34 -12.11
N ILE A 276 -2.89 4.85 -11.20
CA ILE A 276 -2.53 3.46 -11.22
C ILE A 276 -3.76 2.63 -11.45
N THR A 277 -4.88 3.11 -10.98
CA THR A 277 -6.12 2.37 -11.17
C THR A 277 -6.18 1.90 -12.63
N ARG A 278 -5.53 2.66 -13.50
CA ARG A 278 -5.40 2.30 -14.91
C ARG A 278 -4.37 1.19 -15.16
N GLY A 279 -3.57 0.88 -14.15
CA GLY A 279 -2.56 -0.19 -14.26
C GLY A 279 -3.13 -1.56 -14.56
N VAL A 280 -2.42 -2.33 -15.36
CA VAL A 280 -2.93 -3.61 -15.84
C VAL A 280 -1.92 -4.76 -15.78
N ARG A 281 -0.63 -4.43 -15.83
CA ARG A 281 0.42 -5.42 -15.59
C ARG A 281 1.23 -5.03 -14.37
N ALA A 282 1.41 -5.99 -13.48
CA ALA A 282 2.24 -5.82 -12.31
C ALA A 282 3.33 -6.89 -12.25
N VAL A 283 4.58 -6.45 -12.14
CA VAL A 283 5.73 -7.34 -12.07
C VAL A 283 6.50 -7.14 -10.77
N GLY A 284 6.54 -8.19 -9.94
CA GLY A 284 7.33 -8.12 -8.72
C GLY A 284 8.45 -9.13 -8.59
N SER A 285 9.60 -8.66 -8.12
CA SER A 285 10.74 -9.52 -7.81
C SER A 285 10.98 -9.45 -6.32
N LEU A 286 11.60 -10.47 -5.76
CA LEU A 286 11.88 -10.51 -4.34
C LEU A 286 13.12 -11.33 -4.05
N ALA A 287 14.21 -10.64 -3.76
CA ALA A 287 15.46 -11.30 -3.41
C ALA A 287 15.60 -11.36 -1.88
N ALA A 288 16.39 -12.31 -1.39
CA ALA A 288 16.75 -12.37 0.02
C ALA A 288 18.20 -11.94 0.24
N ALA A 289 18.39 -10.88 1.04
CA ALA A 289 19.70 -10.36 1.38
C ALA A 289 19.82 -10.18 2.86
N GLY A 290 21.02 -9.94 3.33
CA GLY A 290 21.24 -9.84 4.75
C GLY A 290 20.54 -10.94 5.51
N ASP A 291 19.71 -10.56 6.45
CA ASP A 291 18.87 -11.52 7.14
C ASP A 291 17.56 -11.20 6.46
N ARG A 292 17.51 -10.06 5.78
CA ARG A 292 16.27 -9.54 5.25
C ARG A 292 15.96 -9.59 3.77
N LEU A 293 14.74 -9.99 3.45
CA LEU A 293 14.26 -9.99 2.03
C LEU A 293 13.61 -8.71 1.52
N VAL A 294 13.94 -8.33 0.30
CA VAL A 294 13.56 -7.06 -0.28
C VAL A 294 13.16 -7.28 -1.73
N GLY A 295 12.04 -6.70 -2.14
CA GLY A 295 11.61 -6.80 -3.52
C GLY A 295 11.45 -5.44 -4.16
N GLU A 296 11.22 -5.43 -5.46
CA GLU A 296 10.66 -4.27 -6.14
C GLU A 296 9.36 -4.73 -6.78
N VAL A 297 8.44 -3.79 -7.01
CA VAL A 297 7.32 -4.06 -7.91
C VAL A 297 7.07 -2.85 -8.78
N VAL A 298 6.56 -3.10 -9.99
CA VAL A 298 6.25 -2.02 -10.93
C VAL A 298 4.97 -2.37 -11.67
N LEU A 299 4.10 -1.36 -11.77
CA LEU A 299 2.77 -1.53 -12.33
C LEU A 299 2.71 -0.69 -13.58
N THR A 300 2.17 -1.23 -14.66
CA THR A 300 2.19 -0.54 -15.97
C THR A 300 0.85 -0.40 -16.68
N ASP A 301 0.79 0.58 -17.59
CA ASP A 301 -0.27 0.83 -18.59
C ASP A 301 -0.63 -0.36 -19.46
N ALA A 302 -1.75 -0.23 -20.17
CA ALA A 302 -2.00 -1.08 -21.33
C ALA A 302 -0.94 -0.83 -22.41
N ASN A 303 -0.43 0.40 -22.47
CA ASN A 303 0.67 0.73 -23.39
C ASN A 303 2.02 0.54 -22.72
N GLY A 304 2.06 -0.32 -21.68
CA GLY A 304 3.31 -0.69 -20.98
C GLY A 304 4.06 0.45 -20.28
N GLN A 305 3.38 1.58 -20.05
CA GLN A 305 3.96 2.70 -19.33
C GLN A 305 3.87 2.55 -17.81
N PRO A 306 4.98 2.81 -17.08
CA PRO A 306 4.95 2.65 -15.62
C PRO A 306 4.01 3.61 -14.88
N LEU A 307 3.03 3.04 -14.20
CA LEU A 307 2.10 3.81 -13.39
C LEU A 307 2.58 3.99 -11.96
N LEU A 308 3.00 2.88 -11.35
CA LEU A 308 3.57 2.90 -10.02
C LEU A 308 4.83 2.04 -9.99
N VAL A 309 5.92 2.57 -9.45
CA VAL A 309 7.04 1.69 -9.13
C VAL A 309 7.48 1.92 -7.70
N VAL A 310 7.67 0.82 -6.98
CA VAL A 310 8.29 0.91 -5.68
C VAL A 310 9.65 0.24 -5.74
N ASP A 311 10.68 1.05 -5.51
CA ASP A 311 12.07 0.64 -5.63
C ASP A 311 12.42 -0.44 -4.62
N GLU A 312 11.84 -0.39 -3.43
CA GLU A 312 12.19 -1.31 -2.40
C GLU A 312 11.00 -1.68 -1.50
N VAL A 313 10.70 -2.97 -1.37
CA VAL A 313 9.65 -3.44 -0.47
C VAL A 313 10.25 -4.48 0.46
N GLU A 314 10.50 -4.11 1.69
CA GLU A 314 11.10 -5.02 2.62
C GLU A 314 9.96 -5.81 3.18
N MET A 315 10.18 -7.12 3.26
CA MET A 315 9.15 -8.08 3.63
C MET A 315 9.57 -8.83 4.90
N ALA A 316 8.66 -9.60 5.46
CA ALA A 316 8.91 -10.31 6.70
C ALA A 316 7.84 -11.36 6.94
N VAL A 317 8.27 -12.53 7.42
CA VAL A 317 7.36 -13.62 7.71
C VAL A 317 6.55 -13.27 8.94
N LEU A 318 5.27 -13.60 8.93
CA LEU A 318 4.42 -13.31 10.06
C LEU A 318 3.62 -14.56 10.48
N GLY A 319 3.72 -14.93 11.75
CA GLY A 319 2.95 -16.08 12.30
C GLY A 319 1.43 -15.92 12.19
N SER A 320 0.77 -16.93 11.61
CA SER A 320 -0.67 -16.90 11.34
C SER A 320 -1.37 -18.23 11.63
P PO4 B . 0.09 -5.10 5.61
O1 PO4 B . -1.11 -4.57 4.83
O2 PO4 B . -0.22 -6.54 5.97
O3 PO4 B . 1.33 -4.99 4.74
O4 PO4 B . 0.33 -4.33 6.90
#